data_7OY4
#
_entry.id   7OY4
#
_cell.length_a   66.489
_cell.length_b   66.489
_cell.length_c   263.846
_cell.angle_alpha   90.000
_cell.angle_beta   90.000
_cell.angle_gamma   120.000
#
_symmetry.space_group_name_H-M   'P 65 2 2'
#
loop_
_entity.id
_entity.type
_entity.pdbx_description
1 polymer 'Vitamin D3 receptor A'
2 polymer 'Nuclear receptor coactivator 1'
3 non-polymer (3S,6R)-6-[(3R,5R,8R,9S,10S,13R,14S,17R)-10,13-dimethyl-3-(2-methyl-2-oxidanyl-propyl)-2,3,4,5,6,7,8,9,11,12,14,15,16,17-tetradecahydro-1H-cyclopenta[a]phenanthren-17-yl]heptane-1,3-diol
4 water water
#
loop_
_entity_poly.entity_id
_entity_poly.type
_entity_poly.pdbx_seq_one_letter_code
_entity_poly.pdbx_strand_id
1 'polypeptide(L)'
;GSHMLSDEQMQIINSLVEAHHKTYDDSYSDFVRFRPPVREGPVTRSASRAASLHSLSDASSDSFNHSPESVDTKLNFSNL
LMMYQDSGSPDSSEEDQQSRLSMLPHLADLVSYSIQKVIGFAKMIPGFRDLTAEDQIALLKSSAIEIIMLRSNQSFSLED
MSWSCGGPDFKYCINDVTKAGHTLELLEPLVKFQVGLKKLKLHEEEHVLLMAICLLSPDRPGVQDHVRIEALQDRLCDVL
QAYIRIQHPGGRLLYAKMIQKLADLRSLNEEHSKQYRSLSFQPEHSMQLTPLVLEVFGSEVS
;
A
2 'polypeptide(L)' RHKILHRLLQEGSPS B
#
# COMPACT_ATOMS: atom_id res chain seq x y z
N MET A 4 9.67 -18.27 -21.56
CA MET A 4 10.82 -17.41 -21.36
C MET A 4 10.43 -15.93 -21.55
N LEU A 5 10.84 -15.08 -20.60
CA LEU A 5 10.43 -13.68 -20.59
C LEU A 5 11.17 -12.88 -21.68
N SER A 6 10.44 -11.96 -22.31
CA SER A 6 11.05 -11.09 -23.31
C SER A 6 11.87 -10.01 -22.63
N ASP A 7 12.64 -9.27 -23.45
CA ASP A 7 13.37 -8.12 -22.93
C ASP A 7 12.43 -7.04 -22.45
N GLU A 8 11.32 -6.81 -23.17
CA GLU A 8 10.37 -5.79 -22.74
C GLU A 8 9.75 -6.14 -21.40
N GLN A 9 9.37 -7.41 -21.21
CA GLN A 9 8.83 -7.84 -19.92
C GLN A 9 9.88 -7.73 -18.84
N MET A 10 11.13 -7.97 -19.20
CA MET A 10 12.21 -7.87 -18.24
C MET A 10 12.47 -6.42 -17.85
N GLN A 11 12.44 -5.52 -18.83
CA GLN A 11 12.59 -4.09 -18.53
C GLN A 11 11.50 -3.62 -17.56
N ILE A 12 10.28 -4.13 -17.68
CA ILE A 12 9.21 -3.75 -16.76
C ILE A 12 9.57 -4.20 -15.34
N ILE A 13 10.05 -5.43 -15.20
CA ILE A 13 10.43 -5.92 -13.86
C ILE A 13 11.54 -5.06 -13.28
N ASN A 14 12.58 -4.80 -14.08
CA ASN A 14 13.69 -3.97 -13.63
C ASN A 14 13.20 -2.63 -13.14
N SER A 15 12.33 -1.99 -13.91
CA SER A 15 11.91 -0.64 -13.54
C SER A 15 11.05 -0.66 -12.29
N LEU A 16 10.27 -1.72 -12.08
CA LEU A 16 9.45 -1.76 -10.88
C LEU A 16 10.31 -2.05 -9.65
N VAL A 17 11.32 -2.90 -9.79
CA VAL A 17 12.18 -3.19 -8.65
C VAL A 17 12.95 -1.93 -8.25
N GLU A 18 13.53 -1.24 -9.24
CA GLU A 18 14.24 0.01 -8.96
C GLU A 18 13.33 1.02 -8.30
N ALA A 19 12.10 1.15 -8.78
CA ALA A 19 11.14 2.08 -8.19
C ALA A 19 10.85 1.73 -6.73
N HIS A 20 10.64 0.46 -6.44
CA HIS A 20 10.46 0.05 -5.05
C HIS A 20 11.70 0.34 -4.21
N HIS A 21 12.89 0.00 -4.72
CA HIS A 21 14.10 0.26 -3.94
C HIS A 21 14.31 1.75 -3.71
N LYS A 22 13.86 2.61 -4.63
CA LYS A 22 14.01 4.04 -4.39
C LYS A 22 13.06 4.60 -3.34
N THR A 23 11.95 3.93 -3.03
CA THR A 23 10.99 4.52 -2.11
C THR A 23 10.52 3.61 -0.97
N TYR A 24 11.20 2.50 -0.71
CA TYR A 24 11.03 1.77 0.54
C TYR A 24 12.37 1.86 1.25
N ASP A 25 12.42 2.56 2.38
CA ASP A 25 13.68 2.79 3.09
C ASP A 25 13.85 1.69 4.13
N ASP A 26 14.76 0.74 3.84
CA ASP A 26 15.02 -0.42 4.70
C ASP A 26 15.60 -0.03 6.04
N SER A 27 16.13 1.18 6.14
CA SER A 27 16.69 1.63 7.41
C SER A 27 15.66 2.30 8.31
N TYR A 28 14.49 2.67 7.79
CA TYR A 28 13.42 3.23 8.64
C TYR A 28 13.87 4.48 9.40
N SER A 29 14.91 5.18 8.90
N SER A 29 14.91 5.18 8.90
CA SER A 29 15.50 6.28 9.65
CA SER A 29 15.51 6.29 9.62
C SER A 29 14.59 7.49 9.75
C SER A 29 14.58 7.48 9.76
N ASP A 30 13.55 7.59 8.92
CA ASP A 30 12.69 8.76 9.01
C ASP A 30 11.69 8.67 10.16
N PHE A 31 11.56 7.49 10.79
CA PHE A 31 10.49 7.28 11.76
C PHE A 31 10.70 8.12 13.01
N VAL A 32 11.94 8.48 13.30
CA VAL A 32 12.21 9.38 14.42
C VAL A 32 11.64 10.77 14.18
N ARG A 33 11.27 11.09 12.95
CA ARG A 33 10.65 12.37 12.64
C ARG A 33 9.18 12.41 13.00
N PHE A 34 8.54 11.25 13.20
CA PHE A 34 7.12 11.24 13.47
C PHE A 34 6.87 11.71 14.89
N ARG A 35 5.66 12.20 15.13
CA ARG A 35 5.23 12.34 16.51
C ARG A 35 5.43 11.00 17.21
N PRO A 36 5.98 10.99 18.43
CA PRO A 36 6.43 9.73 19.00
C PRO A 36 5.26 8.81 19.31
N PRO A 37 5.48 7.50 19.26
CA PRO A 37 4.42 6.58 19.70
C PRO A 37 4.13 6.80 21.18
N VAL A 38 2.91 6.51 21.58
CA VAL A 38 2.52 6.47 22.98
C VAL A 38 1.77 5.16 23.22
N ARG A 39 2.31 4.33 24.10
CA ARG A 39 1.69 3.04 24.41
C ARG A 39 1.32 2.95 25.88
N ARG A 100 -6.04 4.55 23.93
CA ARG A 100 -7.12 4.16 23.04
C ARG A 100 -7.02 4.91 21.72
N LEU A 101 -6.70 6.20 21.80
CA LEU A 101 -6.26 6.98 20.66
C LEU A 101 -4.81 7.42 20.81
N SER A 102 -4.07 6.81 21.72
CA SER A 102 -2.75 7.33 22.05
C SER A 102 -1.74 7.10 20.94
N MET A 103 -1.98 6.11 20.07
CA MET A 103 -1.09 5.86 18.93
C MET A 103 -1.48 6.62 17.68
N LEU A 104 -2.57 7.38 17.71
CA LEU A 104 -3.05 8.04 16.49
C LEU A 104 -2.08 9.08 15.94
N PRO A 105 -1.49 9.97 16.74
CA PRO A 105 -0.51 10.92 16.16
C PRO A 105 0.62 10.21 15.45
N HIS A 106 1.24 9.23 16.11
CA HIS A 106 2.35 8.51 15.48
C HIS A 106 1.91 7.78 14.23
N LEU A 107 0.76 7.09 14.29
CA LEU A 107 0.41 6.24 13.15
C LEU A 107 -0.14 7.05 11.99
N ALA A 108 -0.76 8.20 12.27
CA ALA A 108 -1.14 9.12 11.20
C ALA A 108 0.10 9.64 10.48
N ASP A 109 1.13 10.04 11.24
CA ASP A 109 2.39 10.45 10.60
C ASP A 109 2.98 9.30 9.79
N LEU A 110 2.96 8.09 10.35
CA LEU A 110 3.48 6.92 9.65
C LEU A 110 2.73 6.70 8.34
N VAL A 111 1.40 6.73 8.37
CA VAL A 111 0.63 6.50 7.16
C VAL A 111 0.83 7.64 6.15
N SER A 112 0.90 8.88 6.63
CA SER A 112 1.13 10.02 5.75
C SER A 112 2.49 9.91 5.05
N TYR A 113 3.52 9.51 5.78
CA TYR A 113 4.82 9.22 5.17
C TYR A 113 4.69 8.15 4.11
N SER A 114 4.00 7.06 4.44
CA SER A 114 3.84 5.95 3.50
C SER A 114 3.10 6.38 2.23
N ILE A 115 2.14 7.29 2.35
CA ILE A 115 1.44 7.80 1.17
C ILE A 115 2.44 8.48 0.23
N GLN A 116 3.33 9.32 0.78
CA GLN A 116 4.34 9.97 -0.04
C GLN A 116 5.20 8.94 -0.76
N LYS A 117 5.50 7.83 -0.10
N LYS A 117 5.53 7.84 -0.08
CA LYS A 117 6.30 6.80 -0.74
CA LYS A 117 6.31 6.80 -0.74
C LYS A 117 5.52 6.06 -1.83
C LYS A 117 5.51 6.11 -1.85
N VAL A 118 4.21 5.89 -1.63
CA VAL A 118 3.41 5.23 -2.65
C VAL A 118 3.28 6.12 -3.88
N ILE A 119 3.16 7.42 -3.67
CA ILE A 119 3.10 8.36 -4.77
C ILE A 119 4.39 8.32 -5.59
N GLY A 120 5.52 8.36 -4.90
CA GLY A 120 6.79 8.19 -5.57
C GLY A 120 6.89 6.89 -6.37
N PHE A 121 6.41 5.79 -5.78
CA PHE A 121 6.45 4.50 -6.49
C PHE A 121 5.56 4.55 -7.73
N ALA A 122 4.33 5.04 -7.57
CA ALA A 122 3.39 5.12 -8.68
C ALA A 122 3.95 5.92 -9.84
N LYS A 123 4.60 7.04 -9.55
CA LYS A 123 5.16 7.91 -10.60
C LYS A 123 6.22 7.21 -11.43
N MET A 124 6.76 6.08 -10.96
CA MET A 124 7.75 5.35 -11.73
C MET A 124 7.22 4.06 -12.36
N ILE A 125 5.94 3.75 -12.20
CA ILE A 125 5.37 2.60 -12.88
C ILE A 125 5.23 2.97 -14.35
N PRO A 126 5.83 2.20 -15.28
CA PRO A 126 5.69 2.54 -16.70
C PRO A 126 4.24 2.72 -17.11
N GLY A 127 3.89 3.92 -17.58
CA GLY A 127 2.55 4.22 -18.07
C GLY A 127 1.72 5.09 -17.14
N PHE A 128 2.01 5.06 -15.84
CA PHE A 128 1.21 5.81 -14.89
C PHE A 128 1.30 7.30 -15.15
N ARG A 129 2.50 7.81 -15.42
CA ARG A 129 2.67 9.26 -15.51
C ARG A 129 2.03 9.85 -16.76
N ASP A 130 1.74 9.01 -17.76
CA ASP A 130 1.08 9.48 -18.97
C ASP A 130 -0.44 9.54 -18.84
N LEU A 131 -1.01 8.91 -17.82
CA LEU A 131 -2.42 9.09 -17.54
C LEU A 131 -2.70 10.55 -17.18
N THR A 132 -3.95 10.95 -17.31
CA THR A 132 -4.31 12.30 -16.91
C THR A 132 -4.13 12.49 -15.40
N ALA A 133 -3.97 13.75 -14.99
CA ALA A 133 -3.81 14.06 -13.58
C ALA A 133 -5.01 13.58 -12.77
N GLU A 134 -6.21 13.65 -13.35
CA GLU A 134 -7.39 13.17 -12.65
C GLU A 134 -7.33 11.65 -12.44
N ASP A 135 -6.93 10.89 -13.47
CA ASP A 135 -6.85 9.45 -13.29
C ASP A 135 -5.75 9.08 -12.30
N GLN A 136 -4.62 9.79 -12.32
CA GLN A 136 -3.59 9.52 -11.33
C GLN A 136 -4.12 9.75 -9.93
N ILE A 137 -4.84 10.85 -9.73
CA ILE A 137 -5.39 11.13 -8.42
C ILE A 137 -6.43 10.07 -8.05
N ALA A 138 -7.30 9.69 -8.99
CA ALA A 138 -8.33 8.70 -8.69
C ALA A 138 -7.73 7.35 -8.30
N LEU A 139 -6.68 6.92 -8.99
CA LEU A 139 -6.09 5.61 -8.65
C LEU A 139 -5.40 5.65 -7.30
N LEU A 140 -4.73 6.76 -6.96
CA LEU A 140 -4.04 6.83 -5.68
C LEU A 140 -5.03 6.98 -4.52
N LYS A 141 -6.10 7.75 -4.72
CA LYS A 141 -7.05 7.92 -3.63
C LYS A 141 -7.76 6.61 -3.29
N SER A 142 -8.09 5.78 -4.29
CA SER A 142 -8.77 4.55 -3.91
C SER A 142 -7.82 3.44 -3.52
N SER A 143 -6.56 3.44 -4.02
CA SER A 143 -5.66 2.32 -3.76
C SER A 143 -4.62 2.56 -2.67
N ALA A 144 -4.42 3.80 -2.22
CA ALA A 144 -3.30 4.10 -1.34
C ALA A 144 -3.29 3.21 -0.11
N ILE A 145 -4.42 3.07 0.57
CA ILE A 145 -4.40 2.27 1.81
C ILE A 145 -4.04 0.82 1.49
N GLU A 146 -4.48 0.32 0.33
CA GLU A 146 -4.15 -1.06 -0.05
C GLU A 146 -2.65 -1.25 -0.30
N ILE A 147 -2.01 -0.30 -0.99
N ILE A 147 -2.03 -0.28 -1.00
CA ILE A 147 -0.59 -0.45 -1.25
CA ILE A 147 -0.59 -0.37 -1.27
C ILE A 147 0.21 -0.32 0.04
C ILE A 147 0.20 -0.30 0.02
N ILE A 148 -0.26 0.52 0.98
CA ILE A 148 0.44 0.63 2.25
C ILE A 148 0.36 -0.69 3.00
N MET A 149 -0.81 -1.33 3.00
CA MET A 149 -0.96 -2.65 3.63
C MET A 149 -0.06 -3.69 2.96
N LEU A 150 0.01 -3.65 1.64
CA LEU A 150 0.83 -4.59 0.87
C LEU A 150 2.30 -4.36 1.14
N ARG A 151 2.78 -3.14 0.95
CA ARG A 151 4.21 -2.86 1.11
C ARG A 151 4.68 -3.09 2.53
N SER A 152 3.77 -2.99 3.51
CA SER A 152 4.14 -3.22 4.91
C SER A 152 4.47 -4.67 5.20
N ASN A 153 4.18 -5.60 4.27
CA ASN A 153 4.49 -7.00 4.51
C ASN A 153 6.00 -7.24 4.65
N GLN A 154 6.81 -6.36 4.06
N GLN A 154 6.83 -6.36 4.07
CA GLN A 154 8.27 -6.48 4.15
CA GLN A 154 8.27 -6.59 4.17
C GLN A 154 8.76 -6.43 5.59
C GLN A 154 8.85 -6.26 5.53
N SER A 155 8.08 -5.68 6.45
CA SER A 155 8.52 -5.56 7.84
C SER A 155 7.72 -6.46 8.78
N PHE A 156 6.74 -7.21 8.26
CA PHE A 156 5.92 -8.06 9.10
C PHE A 156 6.62 -9.40 9.36
N SER A 157 6.44 -9.93 10.56
CA SER A 157 7.12 -11.16 10.96
C SER A 157 6.10 -12.17 11.50
N LEU A 158 6.17 -13.40 10.97
CA LEU A 158 5.32 -14.48 11.49
C LEU A 158 5.68 -14.82 12.93
N GLU A 159 6.97 -14.75 13.27
CA GLU A 159 7.39 -15.04 14.64
C GLU A 159 6.83 -14.03 15.63
N ASP A 160 6.78 -12.77 15.23
CA ASP A 160 6.36 -11.66 16.07
C ASP A 160 4.88 -11.35 15.97
N MET A 161 4.27 -11.63 14.82
CA MET A 161 2.97 -11.08 14.47
C MET A 161 3.00 -9.56 14.58
N SER A 162 4.14 -8.97 14.20
N SER A 162 4.14 -8.98 14.22
CA SER A 162 4.34 -7.54 14.36
CA SER A 162 4.38 -7.55 14.40
C SER A 162 5.08 -7.01 13.14
C SER A 162 5.09 -7.01 13.16
N TRP A 163 5.03 -5.69 13.00
CA TRP A 163 5.78 -4.98 11.98
C TRP A 163 7.00 -4.36 12.67
N SER A 164 8.20 -4.75 12.25
CA SER A 164 9.44 -4.31 12.88
C SER A 164 10.10 -3.28 11.99
N CYS A 165 10.15 -2.04 12.45
CA CYS A 165 10.62 -0.95 11.59
C CYS A 165 11.84 -0.27 12.18
N GLY A 166 12.90 -1.04 12.43
CA GLY A 166 14.11 -0.47 12.99
C GLY A 166 14.20 -0.72 14.48
N GLY A 167 14.14 0.34 15.28
CA GLY A 167 14.35 0.22 16.70
C GLY A 167 13.14 -0.29 17.44
N PRO A 168 13.31 -0.47 18.76
CA PRO A 168 12.19 -0.97 19.58
C PRO A 168 10.98 -0.05 19.65
N ASP A 169 11.17 1.27 19.54
CA ASP A 169 10.00 2.14 19.57
C ASP A 169 9.11 1.96 18.35
N PHE A 170 9.63 1.37 17.27
CA PHE A 170 8.94 1.26 16.00
C PHE A 170 8.72 -0.20 15.63
N LYS A 171 8.43 -1.03 16.63
CA LYS A 171 7.88 -2.36 16.47
C LYS A 171 6.42 -2.32 16.90
N TYR A 172 5.51 -2.75 16.02
CA TYR A 172 4.07 -2.53 16.20
C TYR A 172 3.33 -3.85 16.34
N CYS A 173 2.73 -4.05 17.51
N CYS A 173 2.72 -4.06 17.50
CA CYS A 173 1.87 -5.18 17.86
CA CYS A 173 1.92 -5.24 17.78
C CYS A 173 0.48 -5.01 17.27
C CYS A 173 0.44 -4.91 17.56
N ILE A 174 -0.40 -5.95 17.60
CA ILE A 174 -1.83 -5.72 17.43
C ILE A 174 -2.33 -4.79 18.52
N ASN A 175 -1.69 -4.84 19.69
CA ASN A 175 -2.06 -3.96 20.78
C ASN A 175 -1.83 -2.50 20.40
N ASP A 176 -0.70 -2.19 19.75
CA ASP A 176 -0.40 -0.80 19.39
C ASP A 176 -1.33 -0.30 18.31
N VAL A 177 -1.60 -1.13 17.31
N VAL A 177 -1.59 -1.11 17.28
CA VAL A 177 -2.30 -0.69 16.11
CA VAL A 177 -2.31 -0.62 16.11
C VAL A 177 -3.81 -0.60 16.32
C VAL A 177 -3.81 -0.58 16.34
N THR A 178 -4.31 -1.08 17.47
CA THR A 178 -5.68 -0.86 17.87
C THR A 178 -5.85 0.44 18.65
N LYS A 179 -4.78 1.23 18.83
CA LYS A 179 -4.86 2.48 19.58
C LYS A 179 -4.87 3.72 18.68
N ALA A 180 -5.42 3.62 17.49
CA ALA A 180 -5.43 4.75 16.57
C ALA A 180 -6.82 4.96 15.97
N GLY A 181 -7.86 4.68 16.75
CA GLY A 181 -9.22 4.93 16.33
C GLY A 181 -9.87 3.81 15.54
N HIS A 182 -9.13 2.79 15.16
CA HIS A 182 -9.67 1.67 14.42
C HIS A 182 -9.78 0.46 15.33
N THR A 183 -10.81 -0.35 15.10
N THR A 183 -10.76 -0.38 15.03
CA THR A 183 -11.09 -1.46 15.98
CA THR A 183 -11.18 -1.49 15.87
C THR A 183 -10.67 -2.78 15.33
C THR A 183 -10.69 -2.82 15.28
N LEU A 184 -11.00 -3.89 16.01
CA LEU A 184 -10.55 -5.21 15.58
C LEU A 184 -11.25 -5.71 14.33
N GLU A 185 -12.38 -5.12 13.91
CA GLU A 185 -12.94 -5.61 12.65
C GLU A 185 -12.15 -5.10 11.46
N LEU A 186 -11.29 -4.10 11.63
CA LEU A 186 -10.27 -3.85 10.62
C LEU A 186 -8.97 -4.59 10.93
N LEU A 187 -8.58 -4.60 12.21
CA LEU A 187 -7.24 -5.06 12.54
C LEU A 187 -7.11 -6.57 12.52
N GLU A 188 -8.16 -7.31 12.90
CA GLU A 188 -8.06 -8.77 12.81
C GLU A 188 -7.92 -9.25 11.37
N PRO A 189 -8.74 -8.81 10.40
CA PRO A 189 -8.45 -9.22 9.01
C PRO A 189 -7.11 -8.71 8.51
N LEU A 190 -6.68 -7.51 8.88
CA LEU A 190 -5.38 -7.03 8.40
C LEU A 190 -4.23 -7.94 8.85
N VAL A 191 -4.22 -8.33 10.11
CA VAL A 191 -3.16 -9.20 10.59
C VAL A 191 -3.22 -10.55 9.88
N LYS A 192 -4.42 -11.11 9.75
CA LYS A 192 -4.57 -12.39 9.06
C LYS A 192 -4.14 -12.27 7.60
N PHE A 193 -4.41 -11.13 6.96
CA PHE A 193 -3.92 -10.89 5.61
C PHE A 193 -2.38 -10.89 5.57
N GLN A 194 -1.76 -10.27 6.58
CA GLN A 194 -0.29 -10.21 6.62
C GLN A 194 0.32 -11.60 6.71
N VAL A 195 -0.21 -12.47 7.58
CA VAL A 195 0.44 -13.78 7.69
C VAL A 195 0.15 -14.62 6.45
N GLY A 196 -1.05 -14.54 5.89
CA GLY A 196 -1.33 -15.26 4.67
C GLY A 196 -0.40 -14.84 3.54
N LEU A 197 -0.18 -13.53 3.42
CA LEU A 197 0.73 -13.02 2.40
C LEU A 197 2.16 -13.45 2.66
N LYS A 198 2.63 -13.31 3.92
CA LYS A 198 4.00 -13.68 4.24
C LYS A 198 4.27 -15.13 3.89
N LYS A 199 3.30 -16.02 4.15
CA LYS A 199 3.46 -17.45 3.90
C LYS A 199 3.65 -17.78 2.42
N LEU A 200 3.24 -16.88 1.52
CA LEU A 200 3.44 -17.11 0.09
C LEU A 200 4.91 -17.02 -0.32
N LYS A 201 5.74 -16.38 0.50
CA LYS A 201 7.17 -16.21 0.22
C LYS A 201 7.42 -15.67 -1.19
N LEU A 202 6.80 -14.53 -1.47
CA LEU A 202 6.94 -13.91 -2.79
C LEU A 202 8.38 -13.46 -3.03
N HIS A 203 8.87 -13.69 -4.25
CA HIS A 203 10.08 -13.03 -4.69
C HIS A 203 9.83 -11.52 -4.72
N GLU A 204 10.89 -10.72 -4.62
CA GLU A 204 10.65 -9.27 -4.63
C GLU A 204 10.02 -8.84 -5.94
N GLU A 205 10.37 -9.52 -7.04
CA GLU A 205 9.78 -9.25 -8.35
C GLU A 205 8.26 -9.43 -8.31
N GLU A 206 7.79 -10.50 -7.66
CA GLU A 206 6.36 -10.75 -7.54
C GLU A 206 5.69 -9.69 -6.65
N HIS A 207 6.37 -9.31 -5.57
CA HIS A 207 5.83 -8.34 -4.62
C HIS A 207 5.60 -6.98 -5.28
N VAL A 208 6.59 -6.49 -6.02
N VAL A 208 6.59 -6.47 -6.03
CA VAL A 208 6.45 -5.18 -6.66
CA VAL A 208 6.46 -5.17 -6.66
C VAL A 208 5.45 -5.23 -7.79
C VAL A 208 5.45 -5.22 -7.80
N LEU A 209 5.38 -6.36 -8.51
CA LEU A 209 4.40 -6.48 -9.58
C LEU A 209 2.98 -6.43 -9.02
N LEU A 210 2.77 -7.07 -7.87
CA LEU A 210 1.46 -7.06 -7.24
C LEU A 210 1.06 -5.64 -6.82
N MET A 211 1.99 -4.89 -6.24
CA MET A 211 1.71 -3.49 -5.90
C MET A 211 1.32 -2.69 -7.13
N ALA A 212 2.08 -2.84 -8.22
CA ALA A 212 1.75 -2.13 -9.46
C ALA A 212 0.40 -2.54 -10.01
N ILE A 213 0.10 -3.85 -9.98
CA ILE A 213 -1.19 -4.33 -10.48
C ILE A 213 -2.32 -3.76 -9.63
N CYS A 214 -2.16 -3.82 -8.32
CA CYS A 214 -3.14 -3.23 -7.40
C CYS A 214 -3.35 -1.75 -7.70
N LEU A 215 -2.25 -1.01 -7.85
N LEU A 215 -2.25 -0.99 -7.81
CA LEU A 215 -2.35 0.42 -8.10
CA LEU A 215 -2.39 0.43 -8.11
C LEU A 215 -3.07 0.72 -9.41
C LEU A 215 -3.16 0.66 -9.40
N LEU A 216 -2.83 -0.10 -10.44
CA LEU A 216 -3.38 0.10 -11.77
C LEU A 216 -4.68 -0.68 -11.99
N SER A 217 -5.56 -0.74 -11.01
CA SER A 217 -6.84 -1.43 -11.17
C SER A 217 -7.85 -0.48 -11.79
N PRO A 218 -8.43 -0.79 -12.95
CA PRO A 218 -9.40 0.14 -13.54
C PRO A 218 -10.75 0.16 -12.85
N ASP A 219 -11.07 -0.86 -12.04
CA ASP A 219 -12.39 -0.93 -11.41
C ASP A 219 -12.40 -0.16 -10.09
N ARG A 220 -11.92 1.08 -10.17
CA ARG A 220 -11.82 1.99 -9.05
C ARG A 220 -12.67 3.23 -9.31
N PRO A 221 -13.37 3.74 -8.31
CA PRO A 221 -14.20 4.94 -8.50
C PRO A 221 -13.36 6.12 -8.97
N GLY A 222 -13.87 6.81 -10.00
CA GLY A 222 -13.29 8.06 -10.46
C GLY A 222 -12.42 7.96 -11.70
N VAL A 223 -12.01 6.75 -12.12
CA VAL A 223 -11.15 6.65 -13.28
C VAL A 223 -11.99 6.86 -14.53
N GLN A 224 -11.44 7.63 -15.48
CA GLN A 224 -12.10 7.87 -16.78
C GLN A 224 -11.60 6.85 -17.80
N ASP A 225 -10.33 6.97 -18.17
CA ASP A 225 -9.74 6.09 -19.16
C ASP A 225 -9.62 4.67 -18.63
N HIS A 226 -10.76 3.97 -18.51
CA HIS A 226 -10.75 2.57 -18.08
C HIS A 226 -9.88 1.72 -19.00
N VAL A 227 -10.05 1.87 -20.31
CA VAL A 227 -9.40 0.96 -21.24
C VAL A 227 -7.88 1.16 -21.25
N ARG A 228 -7.43 2.39 -21.07
CA ARG A 228 -5.99 2.63 -21.03
C ARG A 228 -5.36 1.97 -19.83
N ILE A 229 -5.97 2.13 -18.65
CA ILE A 229 -5.30 1.57 -17.49
C ILE A 229 -5.54 0.07 -17.40
N GLU A 230 -6.65 -0.46 -17.95
CA GLU A 230 -6.79 -1.92 -17.99
C GLU A 230 -5.73 -2.54 -18.88
N ALA A 231 -5.40 -1.87 -20.00
CA ALA A 231 -4.30 -2.33 -20.82
C ALA A 231 -2.99 -2.35 -20.05
N LEU A 232 -2.70 -1.28 -19.29
CA LEU A 232 -1.49 -1.28 -18.48
C LEU A 232 -1.51 -2.46 -17.50
N GLN A 233 -2.64 -2.69 -16.85
CA GLN A 233 -2.73 -3.75 -15.85
C GLN A 233 -2.54 -5.14 -16.49
N ASP A 234 -3.18 -5.39 -17.64
CA ASP A 234 -3.06 -6.68 -18.30
C ASP A 234 -1.60 -7.00 -18.65
N ARG A 235 -0.85 -6.00 -19.10
CA ARG A 235 0.57 -6.17 -19.35
C ARG A 235 1.28 -6.65 -18.09
N LEU A 236 1.03 -5.98 -16.97
CA LEU A 236 1.69 -6.38 -15.73
C LEU A 236 1.27 -7.78 -15.32
N CYS A 237 -0.03 -8.09 -15.43
CA CYS A 237 -0.49 -9.44 -15.12
C CYS A 237 0.23 -10.47 -15.99
N ASP A 238 0.35 -10.21 -17.29
CA ASP A 238 1.08 -11.11 -18.17
C ASP A 238 2.51 -11.32 -17.65
N VAL A 239 3.20 -10.23 -17.33
CA VAL A 239 4.55 -10.34 -16.79
C VAL A 239 4.56 -11.25 -15.57
N LEU A 240 3.61 -11.04 -14.66
CA LEU A 240 3.60 -11.79 -13.40
C LEU A 240 3.34 -13.27 -13.64
N GLN A 241 2.40 -13.60 -14.53
CA GLN A 241 2.13 -15.01 -14.81
C GLN A 241 3.35 -15.69 -15.43
N ALA A 242 4.03 -15.00 -16.34
CA ALA A 242 5.21 -15.60 -16.96
C ALA A 242 6.36 -15.70 -15.96
N TYR A 243 6.53 -14.67 -15.14
CA TYR A 243 7.59 -14.73 -14.12
C TYR A 243 7.42 -15.95 -13.24
N ILE A 244 6.22 -16.14 -12.70
CA ILE A 244 5.98 -17.24 -11.77
C ILE A 244 6.22 -18.58 -12.45
N ARG A 245 5.81 -18.71 -13.71
CA ARG A 245 5.95 -19.99 -14.40
C ARG A 245 7.42 -20.33 -14.62
N ILE A 246 8.22 -19.36 -15.08
CA ILE A 246 9.61 -19.63 -15.42
C ILE A 246 10.50 -19.63 -14.18
N GLN A 247 10.29 -18.67 -13.27
CA GLN A 247 11.26 -18.38 -12.23
C GLN A 247 10.88 -18.85 -10.83
N HIS A 248 9.66 -19.31 -10.60
CA HIS A 248 9.21 -19.66 -9.26
C HIS A 248 8.91 -21.15 -9.17
N PRO A 249 9.81 -21.95 -8.62
CA PRO A 249 9.57 -23.40 -8.54
C PRO A 249 8.37 -23.71 -7.64
N GLY A 250 7.50 -24.59 -8.13
CA GLY A 250 6.30 -24.93 -7.39
C GLY A 250 5.24 -23.84 -7.36
N GLY A 251 5.27 -22.90 -8.30
CA GLY A 251 4.34 -21.80 -8.26
C GLY A 251 3.08 -21.95 -9.09
N ARG A 252 2.70 -23.19 -9.42
CA ARG A 252 1.52 -23.41 -10.25
C ARG A 252 0.26 -22.78 -9.66
N LEU A 253 0.12 -22.77 -8.34
CA LEU A 253 -1.07 -22.19 -7.73
C LEU A 253 -0.87 -20.75 -7.24
N LEU A 254 0.29 -20.14 -7.49
CA LEU A 254 0.64 -18.88 -6.84
C LEU A 254 -0.12 -17.69 -7.42
N TYR A 255 -0.23 -17.58 -8.75
CA TYR A 255 -0.91 -16.44 -9.34
C TYR A 255 -2.34 -16.33 -8.83
N ALA A 256 -3.03 -17.47 -8.72
CA ALA A 256 -4.39 -17.48 -8.23
C ALA A 256 -4.47 -16.98 -6.79
N LYS A 257 -3.51 -17.37 -5.95
CA LYS A 257 -3.50 -16.90 -4.57
C LYS A 257 -3.22 -15.40 -4.50
N MET A 258 -2.35 -14.90 -5.37
CA MET A 258 -2.06 -13.48 -5.35
C MET A 258 -3.29 -12.68 -5.75
N ILE A 259 -4.05 -13.17 -6.72
CA ILE A 259 -5.27 -12.48 -7.11
C ILE A 259 -6.28 -12.50 -5.97
N GLN A 260 -6.34 -13.59 -5.21
CA GLN A 260 -7.23 -13.61 -4.05
C GLN A 260 -6.82 -12.56 -3.01
N LYS A 261 -5.51 -12.34 -2.84
CA LYS A 261 -5.09 -11.28 -1.92
C LYS A 261 -5.55 -9.90 -2.38
N LEU A 262 -5.62 -9.66 -3.69
CA LEU A 262 -6.19 -8.41 -4.18
C LEU A 262 -7.65 -8.25 -3.74
N ALA A 263 -8.41 -9.34 -3.76
CA ALA A 263 -9.77 -9.28 -3.25
C ALA A 263 -9.79 -9.01 -1.76
N ASP A 264 -8.91 -9.68 -1.01
CA ASP A 264 -8.81 -9.41 0.43
C ASP A 264 -8.60 -7.93 0.68
N LEU A 265 -7.73 -7.30 -0.11
CA LEU A 265 -7.42 -5.89 0.09
C LEU A 265 -8.64 -5.01 -0.16
N ARG A 266 -9.46 -5.34 -1.15
CA ARG A 266 -10.69 -4.58 -1.37
C ARG A 266 -11.55 -4.56 -0.11
N SER A 267 -11.70 -5.73 0.52
CA SER A 267 -12.48 -5.82 1.75
C SER A 267 -11.86 -4.98 2.85
N LEU A 268 -10.53 -5.01 2.97
CA LEU A 268 -9.83 -4.22 3.98
C LEU A 268 -9.99 -2.74 3.71
N ASN A 269 -9.86 -2.35 2.44
CA ASN A 269 -10.08 -0.97 2.02
C ASN A 269 -11.47 -0.49 2.44
N GLU A 270 -12.50 -1.31 2.17
CA GLU A 270 -13.87 -0.92 2.52
C GLU A 270 -14.00 -0.67 4.02
N GLU A 271 -13.42 -1.56 4.83
CA GLU A 271 -13.52 -1.43 6.28
C GLU A 271 -12.73 -0.24 6.79
N HIS A 272 -11.54 0.01 6.22
CA HIS A 272 -10.82 1.22 6.61
C HIS A 272 -11.59 2.47 6.25
N SER A 273 -12.18 2.49 5.05
CA SER A 273 -12.91 3.69 4.63
C SER A 273 -14.11 3.95 5.53
N LYS A 274 -14.89 2.90 5.82
CA LYS A 274 -16.01 3.06 6.75
C LYS A 274 -15.55 3.62 8.09
N GLN A 275 -14.48 3.04 8.65
CA GLN A 275 -14.03 3.48 9.98
C GLN A 275 -13.35 4.85 9.93
N TYR A 276 -12.68 5.18 8.83
CA TYR A 276 -12.10 6.51 8.70
C TYR A 276 -13.18 7.59 8.74
N ARG A 277 -14.35 7.30 8.16
CA ARG A 277 -15.47 8.25 8.19
C ARG A 277 -15.83 8.62 9.64
N SER A 278 -15.75 7.65 10.56
CA SER A 278 -15.99 7.95 11.98
C SER A 278 -14.98 8.94 12.51
N LEU A 279 -13.69 8.66 12.32
CA LEU A 279 -12.66 9.59 12.74
C LEU A 279 -12.87 10.97 12.13
N SER A 280 -13.07 11.00 10.80
CA SER A 280 -13.11 12.29 10.11
C SER A 280 -14.34 13.10 10.48
N PHE A 281 -15.37 12.49 11.05
CA PHE A 281 -16.52 13.25 11.51
C PHE A 281 -16.36 13.77 12.93
N GLN A 282 -15.33 13.33 13.66
CA GLN A 282 -15.06 13.83 14.99
C GLN A 282 -13.89 14.79 14.90
N PRO A 283 -14.11 16.11 14.98
CA PRO A 283 -13.00 17.04 14.70
C PRO A 283 -11.87 16.98 15.71
N GLU A 284 -12.13 16.58 16.96
CA GLU A 284 -11.03 16.39 17.90
C GLU A 284 -10.13 15.23 17.50
N HIS A 285 -10.59 14.32 16.65
CA HIS A 285 -9.74 13.28 16.11
C HIS A 285 -9.17 13.66 14.76
N SER A 286 -10.00 14.18 13.86
CA SER A 286 -9.46 14.52 12.55
C SER A 286 -8.37 15.59 12.64
N MET A 287 -8.44 16.47 13.64
CA MET A 287 -7.40 17.48 13.78
C MET A 287 -6.03 16.88 14.10
N GLN A 288 -6.00 15.62 14.54
CA GLN A 288 -4.76 14.88 14.76
C GLN A 288 -4.18 14.29 13.48
N LEU A 289 -4.88 14.38 12.34
CA LEU A 289 -4.37 13.78 11.11
C LEU A 289 -3.43 14.77 10.40
N THR A 290 -2.83 14.34 9.25
CA THR A 290 -2.03 15.32 8.52
C THR A 290 -2.82 15.87 7.33
N PRO A 291 -2.45 17.05 6.81
CA PRO A 291 -3.11 17.54 5.59
C PRO A 291 -3.09 16.54 4.44
N LEU A 292 -1.99 15.80 4.26
CA LEU A 292 -1.97 14.86 3.14
C LEU A 292 -2.91 13.69 3.38
N VAL A 293 -3.03 13.22 4.62
CA VAL A 293 -4.01 12.16 4.92
C VAL A 293 -5.43 12.65 4.64
N LEU A 294 -5.75 13.88 5.06
CA LEU A 294 -7.09 14.41 4.86
C LEU A 294 -7.43 14.50 3.37
N GLU A 295 -6.45 14.90 2.55
CA GLU A 295 -6.65 14.98 1.11
C GLU A 295 -6.90 13.61 0.51
N VAL A 296 -6.06 12.63 0.85
CA VAL A 296 -6.08 11.36 0.12
C VAL A 296 -7.26 10.50 0.53
N PHE A 297 -7.59 10.47 1.82
CA PHE A 297 -8.71 9.67 2.29
C PHE A 297 -10.01 10.46 2.36
N GLY A 298 -10.00 11.73 1.95
CA GLY A 298 -11.20 12.55 1.93
C GLY A 298 -12.09 12.19 0.75
N SER A 299 -13.29 12.75 0.76
CA SER A 299 -14.35 12.34 -0.17
C SER A 299 -14.53 13.29 -1.35
N GLU A 300 -13.66 14.29 -1.49
CA GLU A 300 -13.79 15.22 -2.61
C GLU A 300 -13.45 14.55 -3.93
N VAL A 301 -14.00 15.09 -5.01
CA VAL A 301 -13.79 14.53 -6.34
C VAL A 301 -13.03 15.51 -7.21
N ARG B 1 -8.83 21.89 -4.57
CA ARG B 1 -8.99 20.46 -4.79
C ARG B 1 -7.65 19.76 -4.94
N HIS B 2 -7.31 18.92 -3.97
CA HIS B 2 -6.17 17.99 -4.08
C HIS B 2 -4.85 18.71 -4.32
N LYS B 3 -4.69 19.85 -3.66
CA LYS B 3 -3.53 20.72 -3.88
C LYS B 3 -2.22 19.98 -3.62
N ILE B 4 -2.12 19.23 -2.53
CA ILE B 4 -0.88 18.53 -2.20
C ILE B 4 -0.61 17.39 -3.16
N LEU B 5 -1.66 16.63 -3.51
CA LEU B 5 -1.50 15.51 -4.42
C LEU B 5 -0.98 15.98 -5.77
N HIS B 6 -1.55 17.07 -6.31
CA HIS B 6 -1.10 17.62 -7.58
C HIS B 6 0.37 17.96 -7.54
N ARG B 7 0.79 18.61 -6.45
CA ARG B 7 2.18 19.03 -6.33
C ARG B 7 3.10 17.82 -6.29
N LEU B 8 2.72 16.80 -5.50
CA LEU B 8 3.57 15.62 -5.34
C LEU B 8 3.65 14.82 -6.64
N LEU B 9 2.61 14.88 -7.47
CA LEU B 9 2.64 14.22 -8.78
C LEU B 9 3.41 15.04 -9.81
N GLN B 10 3.92 16.20 -9.42
CA GLN B 10 4.74 17.15 -10.19
C GLN B 10 3.87 18.15 -10.95
#